data_1ESG
#
_entry.id   1ESG
#
_cell.length_a   114.8
_cell.length_b   91.1
_cell.length_c   66.4
_cell.angle_alpha   90
_cell.angle_beta   90
_cell.angle_gamma   90
#
_symmetry.space_group_name_H-M   'P 21 21 21'
#
loop_
_entity.id
_entity.type
_entity.pdbx_description
1 polymer "DNA (5'-D(*TP*GP*GP*AP*TP*TP*CP*A)-3')"
2 polymer "DNA (5'-D(*TP*GP*AP*AP*TP*CP*CP*A)-3')"
3 polymer 'TYPE II RESTRICTION ENZYME BAMHI'
4 water water
#
loop_
_entity_poly.entity_id
_entity_poly.type
_entity_poly.pdbx_seq_one_letter_code
_entity_poly.pdbx_strand_id
1 'polydeoxyribonucleotide' (DT)(DG)(DG)(DA)(DT)(DT)(DC)(DA) C
2 'polydeoxyribonucleotide' (DT)(DG)(DA)(DA)(DT)(DC)(DC)(DA) D
3 'polypeptide(L)'
;MEVEKEFITDEAKELLSKDKLIQQAYNEVKTSICSPIWPATSKTFTINNTEKNCNGVVPIKELCYTLLEDTYNWYREKPL
DILKLEKKKGGPIDVYKEFIENSELKRVGMEFETGNISSAHRSMNKLLLGLKHGEIDLAIILMPIKQLAYYLTDRVTNFE
ELEPYFELTEGQPFIFIGFNAEAYNSNVPLIPKGSDGMSKRSIKKWKDKVENK
;
A,B
#
loop_
_chem_comp.id
_chem_comp.type
_chem_comp.name
_chem_comp.formula
DA DNA linking 2'-DEOXYADENOSINE-5'-MONOPHOSPHATE 'C10 H14 N5 O6 P'
DC DNA linking 2'-DEOXYCYTIDINE-5'-MONOPHOSPHATE 'C9 H14 N3 O7 P'
DG DNA linking 2'-DEOXYGUANOSINE-5'-MONOPHOSPHATE 'C10 H14 N5 O7 P'
DT DNA linking THYMIDINE-5'-MONOPHOSPHATE 'C10 H15 N2 O8 P'
#
# COMPACT_ATOMS: atom_id res chain seq x y z
N MET C 1 -16.22 23.38 -2.57
CA MET C 1 -14.89 22.81 -2.13
C MET C 1 -13.85 23.40 -3.06
N GLU C 2 -12.59 23.47 -2.62
CA GLU C 2 -11.52 24.03 -3.43
C GLU C 2 -10.35 23.05 -3.57
N VAL C 3 -9.58 23.21 -4.65
CA VAL C 3 -8.39 22.40 -4.89
C VAL C 3 -7.24 23.29 -4.42
N GLU C 4 -6.55 22.89 -3.35
CA GLU C 4 -5.46 23.71 -2.81
C GLU C 4 -4.06 23.21 -3.11
N LYS C 5 -3.93 21.91 -3.39
CA LYS C 5 -2.64 21.29 -3.70
C LYS C 5 -2.83 20.36 -4.90
N GLU C 6 -1.82 20.26 -5.75
CA GLU C 6 -1.91 19.40 -6.92
C GLU C 6 -0.53 19.08 -7.45
N PHE C 7 -0.34 17.83 -7.88
CA PHE C 7 0.93 17.44 -8.48
C PHE C 7 0.56 16.78 -9.80
N ILE C 8 1.23 17.20 -10.86
CA ILE C 8 0.97 16.67 -12.18
C ILE C 8 2.30 16.22 -12.75
N THR C 9 2.43 14.95 -13.11
CA THR C 9 3.71 14.46 -13.64
C THR C 9 3.97 15.14 -14.99
N ASP C 10 5.22 15.19 -15.41
CA ASP C 10 5.56 15.81 -16.70
C ASP C 10 4.84 15.12 -17.84
N GLU C 11 4.66 13.80 -17.74
CA GLU C 11 3.97 13.07 -18.79
C GLU C 11 2.49 13.46 -18.83
N ALA C 12 1.89 13.70 -17.67
CA ALA C 12 0.49 14.11 -17.64
C ALA C 12 0.35 15.53 -18.19
N LYS C 13 1.28 16.42 -17.85
CA LYS C 13 1.21 17.78 -18.37
C LYS C 13 1.21 17.72 -19.89
N GLU C 14 2.12 16.92 -20.45
CA GLU C 14 2.25 16.76 -21.90
C GLU C 14 0.95 16.24 -22.50
N LEU C 15 0.41 15.17 -21.91
CA LEU C 15 -0.82 14.57 -22.39
C LEU C 15 -2.00 15.54 -22.34
N LEU C 16 -2.12 16.29 -21.23
CA LEU C 16 -3.22 17.24 -21.09
C LEU C 16 -3.19 18.32 -22.17
N SER C 17 -1.99 18.77 -22.55
CA SER C 17 -1.86 19.82 -23.55
C SER C 17 -2.13 19.37 -24.99
N LYS C 18 -1.96 18.08 -25.26
CA LYS C 18 -2.15 17.57 -26.61
C LYS C 18 -3.41 16.74 -26.83
N ASP C 19 -4.06 16.33 -25.76
CA ASP C 19 -5.26 15.53 -25.92
C ASP C 19 -6.48 16.17 -25.29
N LYS C 20 -7.29 16.81 -26.12
CA LYS C 20 -8.47 17.52 -25.65
C LYS C 20 -9.47 16.70 -24.83
N LEU C 21 -9.74 15.47 -25.23
CA LEU C 21 -10.70 14.66 -24.47
C LEU C 21 -10.13 14.22 -23.11
N ILE C 22 -8.83 13.98 -23.06
CA ILE C 22 -8.25 13.60 -21.77
C ILE C 22 -8.26 14.86 -20.88
N GLN C 23 -8.02 16.02 -21.48
CA GLN C 23 -8.05 17.26 -20.72
C GLN C 23 -9.46 17.54 -20.21
N GLN C 24 -10.45 17.16 -21.01
CA GLN C 24 -11.85 17.36 -20.61
C GLN C 24 -12.19 16.45 -19.42
N ALA C 25 -11.70 15.22 -19.44
CA ALA C 25 -11.97 14.30 -18.34
C ALA C 25 -11.35 14.84 -17.05
N TYR C 26 -10.14 15.38 -17.18
CA TYR C 26 -9.47 15.95 -16.02
C TYR C 26 -10.28 17.14 -15.50
N ASN C 27 -10.76 18.00 -16.41
CA ASN C 27 -11.56 19.16 -15.97
C ASN C 27 -12.87 18.72 -15.29
N GLU C 28 -13.41 17.58 -15.70
CA GLU C 28 -14.64 17.12 -15.07
C GLU C 28 -14.35 16.65 -13.64
N VAL C 29 -13.21 16.01 -13.43
CA VAL C 29 -12.86 15.57 -12.08
C VAL C 29 -12.71 16.80 -11.17
N LYS C 30 -12.03 17.83 -11.68
CA LYS C 30 -11.81 19.03 -10.89
C LYS C 30 -13.13 19.70 -10.56
N THR C 31 -14.02 19.75 -11.55
CA THR C 31 -15.33 20.35 -11.33
C THR C 31 -16.11 19.54 -10.32
N SER C 32 -16.04 18.22 -10.40
CA SER C 32 -16.79 17.39 -9.48
C SER C 32 -16.28 17.42 -8.04
N ILE C 33 -14.99 17.65 -7.83
CA ILE C 33 -14.51 17.67 -6.45
C ILE C 33 -14.68 19.09 -5.87
N CYS C 34 -14.88 20.07 -6.73
CA CYS C 34 -15.11 21.45 -6.27
C CYS C 34 -16.60 21.69 -6.04
N SER C 35 -17.43 20.85 -6.64
CA SER C 35 -18.90 20.98 -6.52
C SER C 35 -19.51 20.87 -5.14
N PRO C 36 -19.04 19.91 -4.30
CA PRO C 36 -19.59 19.74 -2.95
C PRO C 36 -19.75 21.02 -2.15
N ILE C 37 -20.89 21.11 -1.47
CA ILE C 37 -21.25 22.24 -0.63
C ILE C 37 -21.71 21.62 0.67
N TRP C 38 -21.72 22.41 1.73
CA TRP C 38 -22.17 21.92 3.02
C TRP C 38 -22.39 23.11 3.95
N PRO C 39 -23.57 23.18 4.58
CA PRO C 39 -24.68 22.22 4.44
C PRO C 39 -25.29 22.29 3.04
N ALA C 40 -26.25 21.42 2.76
CA ALA C 40 -26.90 21.37 1.45
C ALA C 40 -27.54 22.69 1.01
N THR C 41 -27.76 23.59 1.96
CA THR C 41 -28.38 24.89 1.68
C THR C 41 -27.39 25.99 1.34
N SER C 42 -26.11 25.69 1.44
CA SER C 42 -25.09 26.70 1.17
C SER C 42 -24.53 26.64 -0.25
N LYS C 43 -23.78 27.67 -0.62
CA LYS C 43 -23.16 27.73 -1.95
C LYS C 43 -21.67 27.41 -1.79
N THR C 44 -21.29 27.14 -0.55
CA THR C 44 -19.90 26.87 -0.20
C THR C 44 -19.80 25.64 0.68
N PHE C 45 -18.58 25.14 0.91
CA PHE C 45 -18.43 23.96 1.76
C PHE C 45 -17.74 24.38 3.05
N THR C 46 -18.50 24.31 4.14
CA THR C 46 -18.00 24.64 5.46
C THR C 46 -17.97 23.33 6.24
N ILE C 47 -16.80 23.02 6.77
CA ILE C 47 -16.65 21.80 7.54
C ILE C 47 -16.73 22.13 9.03
N ASN C 48 -17.41 21.28 9.79
CA ASN C 48 -17.52 21.51 11.23
C ASN C 48 -16.17 21.25 11.88
N ASN C 49 -15.64 22.25 12.57
CA ASN C 49 -14.32 22.16 13.21
C ASN C 49 -14.33 22.14 14.74
N THR C 50 -15.37 21.57 15.34
CA THR C 50 -15.46 21.56 16.80
C THR C 50 -14.64 20.51 17.53
N GLU C 51 -14.29 19.43 16.87
CA GLU C 51 -13.53 18.36 17.50
C GLU C 51 -12.75 17.53 16.47
N LYS C 52 -11.54 17.12 16.83
CA LYS C 52 -10.72 16.30 15.96
C LYS C 52 -11.48 15.05 15.51
N ASN C 53 -11.35 14.71 14.23
CA ASN C 53 -11.98 13.54 13.62
C ASN C 53 -13.49 13.49 13.74
N CYS C 54 -14.15 14.65 13.87
CA CYS C 54 -15.60 14.63 14.05
C CYS C 54 -16.50 14.39 12.83
N ASN C 55 -15.94 14.43 11.62
CA ASN C 55 -16.72 14.24 10.40
C ASN C 55 -16.33 13.01 9.56
N GLY C 56 -17.29 12.48 8.83
CA GLY C 56 -17.00 11.37 7.93
C GLY C 56 -16.53 11.95 6.61
N VAL C 57 -16.02 11.12 5.70
CA VAL C 57 -15.54 11.58 4.40
C VAL C 57 -16.14 10.74 3.28
N VAL C 58 -16.58 9.52 3.60
CA VAL C 58 -17.14 8.64 2.57
C VAL C 58 -18.29 9.30 1.81
N PRO C 59 -19.15 10.06 2.52
CA PRO C 59 -20.26 10.72 1.81
C PRO C 59 -19.78 11.69 0.73
N ILE C 60 -18.63 12.34 0.95
CA ILE C 60 -18.12 13.30 -0.03
C ILE C 60 -17.70 12.52 -1.27
N LYS C 61 -17.04 11.39 -1.03
CA LYS C 61 -16.63 10.54 -2.15
C LYS C 61 -17.86 10.06 -2.91
N GLU C 62 -18.87 9.61 -2.17
CA GLU C 62 -20.10 9.13 -2.79
C GLU C 62 -20.69 10.19 -3.71
N LEU C 63 -20.72 11.42 -3.22
CA LEU C 63 -21.26 12.52 -3.99
C LEU C 63 -20.43 12.76 -5.24
N CYS C 64 -19.10 12.81 -5.08
CA CYS C 64 -18.20 13.04 -6.20
C CYS C 64 -18.36 11.98 -7.30
N TYR C 65 -18.41 10.71 -6.93
CA TYR C 65 -18.55 9.67 -7.95
C TYR C 65 -19.91 9.77 -8.66
N THR C 66 -20.94 10.07 -7.89
CA THR C 66 -22.30 10.19 -8.43
C THR C 66 -22.41 11.31 -9.46
N LEU C 67 -21.72 12.42 -9.19
CA LEU C 67 -21.72 13.56 -10.11
C LEU C 67 -21.04 13.21 -11.42
N LEU C 68 -19.90 12.52 -11.34
CA LEU C 68 -19.18 12.10 -12.54
C LEU C 68 -20.00 11.13 -13.41
N GLU C 69 -20.69 10.19 -12.79
CA GLU C 69 -21.52 9.24 -13.54
C GLU C 69 -22.73 9.96 -14.13
N ASP C 70 -23.49 10.61 -13.24
CA ASP C 70 -24.72 11.31 -13.62
C ASP C 70 -24.60 12.48 -14.56
N THR C 71 -23.65 13.37 -14.30
CA THR C 71 -23.47 14.56 -15.10
C THR C 71 -22.48 14.41 -16.24
N TYR C 72 -21.42 13.64 -16.02
CA TYR C 72 -20.40 13.52 -17.06
C TYR C 72 -20.23 12.17 -17.71
N ASN C 73 -21.13 11.24 -17.39
CA ASN C 73 -21.11 9.93 -18.01
C ASN C 73 -19.90 9.04 -17.74
N TRP C 74 -19.32 9.17 -16.56
CA TRP C 74 -18.21 8.29 -16.18
C TRP C 74 -18.89 7.01 -15.74
N TYR C 75 -18.15 5.94 -15.57
CA TYR C 75 -18.74 4.70 -15.09
C TYR C 75 -18.12 4.36 -13.74
N ARG C 76 -18.94 4.04 -12.75
CA ARG C 76 -18.40 3.67 -11.44
C ARG C 76 -18.73 2.20 -11.25
N GLU C 77 -17.71 1.41 -10.96
CA GLU C 77 -17.87 -0.03 -10.78
C GLU C 77 -18.88 -0.33 -9.66
N LYS C 78 -19.88 -1.15 -9.98
CA LYS C 78 -20.93 -1.51 -9.04
C LYS C 78 -20.56 -2.77 -8.29
N PRO C 79 -21.31 -3.09 -7.22
CA PRO C 79 -21.02 -4.30 -6.43
C PRO C 79 -20.94 -5.55 -7.29
N LEU C 80 -21.86 -5.69 -8.25
CA LEU C 80 -21.87 -6.87 -9.12
C LEU C 80 -20.65 -6.92 -10.04
N ASP C 81 -20.17 -5.75 -10.46
CA ASP C 81 -18.97 -5.66 -11.31
C ASP C 81 -17.75 -6.08 -10.48
N ILE C 82 -17.65 -5.55 -9.27
CA ILE C 82 -16.53 -5.86 -8.38
C ILE C 82 -16.52 -7.35 -8.06
N LEU C 83 -17.70 -7.90 -7.83
CA LEU C 83 -17.83 -9.32 -7.50
C LEU C 83 -17.25 -10.23 -8.59
N LYS C 84 -17.42 -9.87 -9.86
CA LYS C 84 -16.91 -10.72 -10.92
C LYS C 84 -15.51 -10.41 -11.46
N LEU C 85 -14.99 -9.23 -11.13
CA LEU C 85 -13.67 -8.80 -11.61
C LEU C 85 -12.48 -8.94 -10.66
N GLU C 86 -12.56 -9.77 -9.63
CA GLU C 86 -11.41 -9.86 -8.72
C GLU C 86 -10.72 -11.21 -8.62
N LYS C 87 -9.41 -11.21 -8.89
CA LYS C 87 -8.59 -12.42 -8.83
C LYS C 87 -7.44 -12.17 -7.88
N LYS C 88 -6.34 -11.64 -8.41
CA LYS C 88 -5.17 -11.34 -7.62
C LYS C 88 -4.77 -9.89 -7.77
N LYS C 89 -5.60 -9.12 -8.46
CA LYS C 89 -5.30 -7.70 -8.66
C LYS C 89 -5.92 -6.85 -7.55
N GLY C 90 -7.03 -7.31 -6.97
CA GLY C 90 -7.64 -6.58 -5.88
C GLY C 90 -8.73 -5.57 -6.19
N GLY C 91 -9.63 -5.90 -7.11
CA GLY C 91 -10.71 -4.97 -7.42
C GLY C 91 -10.35 -3.95 -8.48
N PRO C 92 -11.30 -3.63 -9.37
CA PRO C 92 -11.07 -2.67 -10.43
C PRO C 92 -10.94 -1.23 -9.93
N ILE C 93 -10.49 -0.35 -10.81
CA ILE C 93 -10.34 1.07 -10.51
C ILE C 93 -11.76 1.56 -10.24
N ASP C 94 -11.92 2.35 -9.18
CA ASP C 94 -13.23 2.86 -8.75
C ASP C 94 -14.13 3.43 -9.84
N VAL C 95 -13.64 4.43 -10.55
CA VAL C 95 -14.43 5.07 -11.60
C VAL C 95 -13.54 5.39 -12.77
N TYR C 96 -14.12 5.49 -13.96
CA TYR C 96 -13.35 5.82 -15.14
C TYR C 96 -14.24 6.38 -16.23
N LYS C 97 -13.60 7.01 -17.20
CA LYS C 97 -14.26 7.61 -18.35
C LYS C 97 -13.56 7.02 -19.56
N GLU C 98 -14.35 6.64 -20.56
CA GLU C 98 -13.81 6.03 -21.75
C GLU C 98 -14.25 6.77 -23.00
N PHE C 99 -13.36 6.87 -23.98
CA PHE C 99 -13.76 7.50 -25.23
C PHE C 99 -12.86 7.10 -26.39
N ILE C 100 -13.45 7.10 -27.57
CA ILE C 100 -12.73 6.75 -28.79
C ILE C 100 -12.13 8.03 -29.36
N GLU C 101 -10.86 7.98 -29.75
CA GLU C 101 -10.22 9.15 -30.31
C GLU C 101 -8.93 8.82 -31.04
N ASN C 102 -8.83 9.30 -32.27
CA ASN C 102 -7.66 9.09 -33.10
C ASN C 102 -7.25 7.64 -33.24
N SER C 103 -8.16 6.81 -33.75
CA SER C 103 -7.89 5.40 -33.98
C SER C 103 -7.44 4.54 -32.78
N GLU C 104 -7.95 4.86 -31.60
CA GLU C 104 -7.63 4.09 -30.40
C GLU C 104 -8.62 4.46 -29.30
N LEU C 105 -8.83 3.53 -28.39
CA LEU C 105 -9.76 3.77 -27.29
C LEU C 105 -8.92 4.23 -26.10
N LYS C 106 -9.36 5.30 -25.44
CA LYS C 106 -8.62 5.81 -24.30
C LYS C 106 -9.49 5.86 -23.06
N ARG C 107 -8.87 5.74 -21.89
CA ARG C 107 -9.62 5.81 -20.64
C ARG C 107 -8.86 6.63 -19.60
N VAL C 108 -9.60 7.23 -18.69
CA VAL C 108 -8.99 7.98 -17.60
C VAL C 108 -9.57 7.32 -16.36
N GLY C 109 -8.71 6.93 -15.41
CA GLY C 109 -9.21 6.29 -14.21
C GLY C 109 -8.96 7.17 -12.99
N MET C 110 -9.85 7.11 -12.00
CA MET C 110 -9.67 7.93 -10.82
C MET C 110 -10.11 7.19 -9.57
N GLU C 111 -9.47 7.55 -8.45
CA GLU C 111 -9.84 6.99 -7.17
C GLU C 111 -9.76 8.10 -6.12
N PHE C 112 -10.80 8.19 -5.30
CA PHE C 112 -10.92 9.19 -4.22
C PHE C 112 -10.52 8.41 -2.95
N GLU C 113 -9.42 8.78 -2.30
CA GLU C 113 -9.00 8.02 -1.10
C GLU C 113 -9.76 8.38 0.16
N THR C 114 -10.41 7.39 0.76
CA THR C 114 -11.11 7.64 2.02
C THR C 114 -10.63 6.65 3.06
N GLY C 115 -9.61 5.86 2.71
CA GLY C 115 -9.07 4.86 3.62
C GLY C 115 -7.76 5.32 4.24
N ASN C 116 -7.09 4.44 4.97
CA ASN C 116 -5.82 4.79 5.60
C ASN C 116 -4.68 4.90 4.59
N ILE C 117 -3.52 5.38 5.03
CA ILE C 117 -2.43 5.58 4.09
C ILE C 117 -1.99 4.31 3.37
N SER C 118 -2.03 3.16 4.04
CA SER C 118 -1.65 1.93 3.33
C SER C 118 -2.63 1.68 2.16
N SER C 119 -3.92 1.94 2.37
CA SER C 119 -4.86 1.72 1.28
C SER C 119 -4.60 2.72 0.14
N ALA C 120 -4.07 3.89 0.44
CA ALA C 120 -3.78 4.87 -0.64
C ALA C 120 -2.60 4.35 -1.47
N HIS C 121 -1.64 3.69 -0.82
CA HIS C 121 -0.52 3.13 -1.55
C HIS C 121 -1.05 2.04 -2.47
N ARG C 122 -2.00 1.25 -1.98
CA ARG C 122 -2.57 0.19 -2.82
C ARG C 122 -3.30 0.79 -4.02
N SER C 123 -4.04 1.87 -3.76
CA SER C 123 -4.79 2.56 -4.81
C SER C 123 -3.85 3.14 -5.87
N MET C 124 -2.78 3.81 -5.44
CA MET C 124 -1.82 4.36 -6.39
C MET C 124 -1.22 3.24 -7.25
N ASN C 125 -0.86 2.11 -6.63
CA ASN C 125 -0.26 0.99 -7.36
C ASN C 125 -1.27 0.33 -8.32
N LYS C 126 -2.54 0.31 -7.94
CA LYS C 126 -3.61 -0.24 -8.79
C LYS C 126 -3.61 0.59 -10.09
N LEU C 127 -3.60 1.91 -9.91
CA LEU C 127 -3.60 2.83 -11.04
C LEU C 127 -2.34 2.72 -11.88
N LEU C 128 -1.20 2.61 -11.23
CA LEU C 128 0.07 2.47 -11.94
C LEU C 128 0.09 1.19 -12.76
N LEU C 129 -0.45 0.10 -12.21
CA LEU C 129 -0.45 -1.15 -12.97
C LEU C 129 -1.39 -1.01 -14.17
N GLY C 130 -2.48 -0.25 -14.00
CA GLY C 130 -3.42 -0.05 -15.10
C GLY C 130 -2.79 0.75 -16.22
N LEU C 131 -1.96 1.72 -15.86
CA LEU C 131 -1.24 2.55 -16.81
C LEU C 131 -0.23 1.65 -17.55
N LYS C 132 0.52 0.88 -16.78
CA LYS C 132 1.52 -0.02 -17.34
C LYS C 132 0.89 -1.07 -18.29
N HIS C 133 -0.31 -1.50 -17.98
CA HIS C 133 -0.99 -2.50 -18.80
C HIS C 133 -1.79 -1.90 -19.95
N GLY C 134 -1.73 -0.58 -20.10
CA GLY C 134 -2.45 0.11 -21.17
C GLY C 134 -3.96 0.17 -21.04
N GLU C 135 -4.49 -0.13 -19.86
CA GLU C 135 -5.94 -0.12 -19.59
C GLU C 135 -6.50 1.28 -19.32
N ILE C 136 -5.64 2.20 -18.90
CA ILE C 136 -6.00 3.61 -18.73
C ILE C 136 -4.83 4.40 -19.28
N ASP C 137 -5.09 5.63 -19.69
CA ASP C 137 -4.07 6.49 -20.27
C ASP C 137 -3.68 7.65 -19.35
N LEU C 138 -4.48 7.87 -18.32
CA LEU C 138 -4.24 8.91 -17.31
C LEU C 138 -4.85 8.39 -16.00
N ALA C 139 -4.13 8.56 -14.90
CA ALA C 139 -4.60 8.17 -13.57
C ALA C 139 -4.73 9.43 -12.71
N ILE C 140 -5.76 9.49 -11.87
CA ILE C 140 -5.96 10.63 -10.99
C ILE C 140 -6.37 10.15 -9.59
N ILE C 141 -5.75 10.74 -8.58
CA ILE C 141 -6.08 10.40 -7.20
C ILE C 141 -6.49 11.68 -6.49
N LEU C 142 -7.59 11.62 -5.74
CA LEU C 142 -8.09 12.76 -4.96
C LEU C 142 -7.91 12.46 -3.49
N MET C 143 -7.49 13.45 -2.70
CA MET C 143 -7.34 13.26 -1.27
C MET C 143 -7.57 14.58 -0.55
N PRO C 144 -8.07 14.54 0.69
CA PRO C 144 -8.25 15.82 1.40
C PRO C 144 -6.85 16.26 1.83
N ILE C 145 -6.63 17.57 1.97
CA ILE C 145 -5.31 18.00 2.44
C ILE C 145 -5.30 17.82 3.95
N LYS C 146 -4.11 17.87 4.53
CA LYS C 146 -3.94 17.67 5.97
C LYS C 146 -4.81 18.57 6.85
N GLN C 147 -4.92 19.85 6.51
CA GLN C 147 -5.75 20.73 7.34
C GLN C 147 -7.17 20.20 7.48
N LEU C 148 -7.74 19.73 6.38
CA LEU C 148 -9.12 19.21 6.41
C LEU C 148 -9.18 17.84 7.05
N ALA C 149 -8.22 16.99 6.73
CA ALA C 149 -8.24 15.64 7.28
C ALA C 149 -8.26 15.60 8.82
N TYR C 150 -7.74 16.65 9.45
CA TYR C 150 -7.74 16.72 10.91
C TYR C 150 -9.17 16.56 11.46
N TYR C 151 -10.12 17.09 10.71
CA TYR C 151 -11.52 17.04 11.10
C TYR C 151 -12.32 15.92 10.45
N LEU C 152 -11.64 15.03 9.73
CA LEU C 152 -12.34 13.91 9.11
C LEU C 152 -11.95 12.65 9.89
N THR C 153 -12.52 11.53 9.49
CA THR C 153 -12.27 10.24 10.13
C THR C 153 -10.82 9.93 10.50
N ASP C 154 -10.64 9.41 11.71
CA ASP C 154 -9.31 9.07 12.22
C ASP C 154 -8.53 8.21 11.22
N ARG C 155 -7.28 8.56 11.00
CA ARG C 155 -6.39 7.80 10.10
C ARG C 155 -6.63 7.93 8.58
N VAL C 156 -7.57 8.77 8.15
CA VAL C 156 -7.77 8.87 6.70
C VAL C 156 -6.52 9.42 6.01
N THR C 157 -6.33 9.00 4.76
CA THR C 157 -5.21 9.45 3.94
C THR C 157 -5.31 10.97 3.70
N ASN C 158 -4.20 11.70 3.78
CA ASN C 158 -4.21 13.11 3.41
C ASN C 158 -3.11 13.35 2.37
N PHE C 159 -3.30 14.38 1.54
CA PHE C 159 -2.39 14.71 0.46
C PHE C 159 -0.91 14.72 0.85
N GLU C 160 -0.59 15.47 1.90
CA GLU C 160 0.79 15.59 2.33
C GLU C 160 1.42 14.29 2.79
N GLU C 161 0.61 13.36 3.27
CA GLU C 161 1.13 12.09 3.72
C GLU C 161 1.59 11.19 2.56
N LEU C 162 0.89 11.26 1.42
CA LEU C 162 1.27 10.45 0.28
C LEU C 162 2.31 11.17 -0.61
N GLU C 163 2.36 12.50 -0.53
CA GLU C 163 3.26 13.32 -1.34
C GLU C 163 4.72 12.85 -1.47
N PRO C 164 5.34 12.35 -0.38
CA PRO C 164 6.73 11.89 -0.54
C PRO C 164 6.86 10.76 -1.56
N TYR C 165 5.75 10.08 -1.84
CA TYR C 165 5.73 8.96 -2.78
C TYR C 165 5.25 9.31 -4.18
N PHE C 166 4.87 10.57 -4.42
CA PHE C 166 4.43 10.94 -5.76
C PHE C 166 5.51 10.63 -6.78
N GLU C 167 6.76 10.73 -6.38
CA GLU C 167 7.81 10.49 -7.36
C GLU C 167 7.83 9.05 -7.89
N LEU C 168 7.16 8.12 -7.21
CA LEU C 168 7.13 6.75 -7.70
C LEU C 168 6.29 6.71 -8.98
N THR C 169 5.61 7.82 -9.30
CA THR C 169 4.77 7.81 -10.51
C THR C 169 5.42 8.52 -11.69
N GLU C 170 6.56 9.18 -11.48
CA GLU C 170 7.19 9.89 -12.57
C GLU C 170 7.52 8.91 -13.71
N GLY C 171 7.32 9.36 -14.95
CA GLY C 171 7.54 8.50 -16.09
C GLY C 171 6.18 8.04 -16.61
N GLN C 172 5.14 8.23 -15.81
CA GLN C 172 3.77 7.86 -16.17
C GLN C 172 2.85 9.07 -15.98
N PRO C 173 1.78 9.17 -16.78
CA PRO C 173 0.85 10.30 -16.65
C PRO C 173 -0.03 10.11 -15.41
N PHE C 174 0.27 10.86 -14.36
CA PHE C 174 -0.45 10.73 -13.10
C PHE C 174 -0.70 12.12 -12.52
N ILE C 175 -1.84 12.27 -11.88
CA ILE C 175 -2.24 13.52 -11.24
C ILE C 175 -2.77 13.27 -9.81
N PHE C 176 -2.33 14.09 -8.86
CA PHE C 176 -2.78 14.00 -7.47
C PHE C 176 -3.42 15.35 -7.13
N ILE C 177 -4.62 15.29 -6.56
CA ILE C 177 -5.36 16.49 -6.21
C ILE C 177 -5.69 16.53 -4.71
N GLY C 178 -5.36 17.64 -4.07
CA GLY C 178 -5.66 17.78 -2.64
C GLY C 178 -6.72 18.85 -2.48
N PHE C 179 -7.85 18.48 -1.89
CA PHE C 179 -8.96 19.43 -1.71
C PHE C 179 -9.15 19.94 -0.28
N ASN C 180 -9.82 21.08 -0.15
CA ASN C 180 -10.06 21.65 1.16
C ASN C 180 -11.44 22.33 1.20
N ALA C 181 -11.96 22.50 2.41
CA ALA C 181 -13.23 23.19 2.63
C ALA C 181 -12.96 24.69 2.45
N GLU C 182 -13.99 25.47 2.13
CA GLU C 182 -13.81 26.92 1.97
C GLU C 182 -13.78 27.59 3.34
N ALA C 183 -14.42 26.97 4.31
CA ALA C 183 -14.48 27.53 5.64
C ALA C 183 -14.57 26.44 6.71
N TYR C 184 -14.20 26.81 7.92
CA TYR C 184 -14.18 25.94 9.09
C TYR C 184 -14.93 26.68 10.22
N ASN C 185 -15.96 26.06 10.80
CA ASN C 185 -16.68 26.68 11.91
C ASN C 185 -17.69 25.71 12.53
N SER C 186 -18.29 26.07 13.66
CA SER C 186 -19.21 25.17 14.36
C SER C 186 -20.66 25.17 13.91
N ASN C 187 -21.04 26.23 13.21
CA ASN C 187 -22.41 26.42 12.80
C ASN C 187 -22.89 25.59 11.62
N VAL C 188 -22.47 24.33 11.59
CA VAL C 188 -22.89 23.42 10.54
C VAL C 188 -22.99 22.06 11.19
N PRO C 189 -23.82 21.17 10.62
CA PRO C 189 -23.93 19.85 11.23
C PRO C 189 -22.73 19.02 10.79
N LEU C 190 -22.53 17.90 11.47
CA LEU C 190 -21.41 17.01 11.15
C LEU C 190 -21.73 16.19 9.91
N ILE C 191 -20.70 15.86 9.14
CA ILE C 191 -20.93 14.98 8.00
C ILE C 191 -20.93 13.59 8.65
N PRO C 192 -21.97 12.77 8.40
CA PRO C 192 -22.04 11.44 9.00
C PRO C 192 -20.91 10.51 8.56
N LYS C 193 -20.54 9.58 9.44
CA LYS C 193 -19.48 8.61 9.18
C LYS C 193 -20.00 7.27 8.68
N GLY C 194 -19.24 6.63 7.80
CA GLY C 194 -19.64 5.33 7.30
C GLY C 194 -20.20 5.27 5.89
N SER C 195 -20.07 4.09 5.28
CA SER C 195 -20.55 3.86 3.92
C SER C 195 -21.98 4.32 3.74
N ASP C 196 -22.72 4.45 4.85
CA ASP C 196 -24.10 4.89 4.78
C ASP C 196 -24.59 5.60 6.03
N GLY C 197 -23.76 6.50 6.56
CA GLY C 197 -24.17 7.28 7.71
C GLY C 197 -25.15 8.26 7.11
N MET C 198 -25.06 8.37 5.79
CA MET C 198 -25.91 9.23 4.97
C MET C 198 -26.45 8.28 3.89
N SER C 199 -27.76 8.13 3.83
CA SER C 199 -28.40 7.23 2.86
C SER C 199 -28.21 7.60 1.39
N LYS C 200 -28.55 6.66 0.52
CA LYS C 200 -28.46 6.85 -0.92
C LYS C 200 -29.48 7.91 -1.31
N ARG C 201 -30.53 8.02 -0.49
CA ARG C 201 -31.58 8.99 -0.70
C ARG C 201 -31.00 10.37 -0.40
N SER C 202 -30.40 10.50 0.78
CA SER C 202 -29.81 11.74 1.24
C SER C 202 -28.81 12.30 0.25
N ILE C 203 -27.98 11.42 -0.32
CA ILE C 203 -26.99 11.86 -1.29
C ILE C 203 -27.67 12.36 -2.55
N LYS C 204 -28.80 11.76 -2.88
CA LYS C 204 -29.54 12.17 -4.07
C LYS C 204 -30.01 13.59 -3.83
N LYS C 205 -30.59 13.82 -2.66
CA LYS C 205 -31.07 15.15 -2.29
C LYS C 205 -29.86 16.09 -2.22
N TRP C 206 -28.80 15.60 -1.58
CA TRP C 206 -27.59 16.39 -1.47
C TRP C 206 -26.91 16.49 -2.81
N LYS C 207 -27.51 17.28 -3.68
CA LYS C 207 -26.95 17.51 -4.98
C LYS C 207 -26.67 19.00 -4.94
N ASP C 208 -26.36 19.58 -6.09
CA ASP C 208 -26.06 21.00 -6.13
C ASP C 208 -25.89 21.36 -7.58
N LYS C 209 -26.71 20.75 -8.41
CA LYS C 209 -26.73 20.97 -9.84
C LYS C 209 -27.86 21.93 -10.18
N MET D 1 11.87 -24.26 7.45
CA MET D 1 11.05 -23.57 6.40
C MET D 1 11.72 -23.65 5.07
N GLU D 2 10.92 -23.53 4.00
CA GLU D 2 11.43 -23.61 2.63
C GLU D 2 11.01 -22.39 1.82
N VAL D 3 11.83 -22.05 0.82
CA VAL D 3 11.50 -20.96 -0.10
C VAL D 3 10.93 -21.70 -1.30
N GLU D 4 9.64 -21.52 -1.55
CA GLU D 4 9.01 -22.20 -2.67
C GLU D 4 8.73 -21.33 -3.87
N LYS D 5 8.66 -20.01 -3.67
CA LYS D 5 8.42 -19.08 -4.78
C LYS D 5 9.39 -17.91 -4.63
N GLU D 6 9.84 -17.37 -5.74
CA GLU D 6 10.77 -16.26 -5.68
C GLU D 6 10.78 -15.50 -6.99
N PHE D 7 10.88 -14.18 -6.91
CA PHE D 7 10.97 -13.37 -8.12
C PHE D 7 12.13 -12.41 -7.92
N ILE D 8 13.03 -12.37 -8.90
CA ILE D 8 14.20 -11.50 -8.81
C ILE D 8 14.21 -10.64 -10.07
N THR D 9 14.28 -9.31 -9.91
CA THR D 9 14.28 -8.45 -11.09
C THR D 9 15.60 -8.67 -11.82
N ASP D 10 15.64 -8.32 -13.11
CA ASP D 10 16.87 -8.48 -13.90
C ASP D 10 17.97 -7.66 -13.27
N GLU D 11 17.62 -6.47 -12.77
CA GLU D 11 18.62 -5.62 -12.15
C GLU D 11 19.20 -6.28 -10.89
N ALA D 12 18.37 -7.00 -10.14
CA ALA D 12 18.90 -7.67 -8.95
C ALA D 12 19.76 -8.91 -9.34
N LYS D 13 19.35 -9.60 -10.40
CA LYS D 13 20.12 -10.78 -10.87
C LYS D 13 21.53 -10.32 -11.23
N GLU D 14 21.61 -9.19 -11.91
CA GLU D 14 22.87 -8.61 -12.34
C GLU D 14 23.70 -8.23 -11.12
N LEU D 15 23.10 -7.45 -10.23
CA LEU D 15 23.77 -7.00 -9.02
C LEU D 15 24.28 -8.18 -8.21
N LEU D 16 23.45 -9.20 -8.03
CA LEU D 16 23.84 -10.37 -7.27
C LEU D 16 25.06 -11.09 -7.85
N SER D 17 25.15 -11.15 -9.17
CA SER D 17 26.28 -11.86 -9.79
C SER D 17 27.60 -11.09 -9.70
N LYS D 18 27.53 -9.77 -9.71
CA LYS D 18 28.74 -8.96 -9.67
C LYS D 18 29.16 -8.42 -8.30
N ASP D 19 28.25 -8.41 -7.34
CA ASP D 19 28.58 -7.87 -6.03
C ASP D 19 28.56 -8.94 -4.93
N LYS D 20 29.75 -9.39 -4.51
CA LYS D 20 29.84 -10.44 -3.50
C LYS D 20 29.19 -10.14 -2.15
N LEU D 21 29.31 -8.90 -1.69
CA LEU D 21 28.75 -8.55 -0.40
C LEU D 21 27.24 -8.41 -0.46
N ILE D 22 26.72 -8.01 -1.63
CA ILE D 22 25.27 -7.91 -1.78
C ILE D 22 24.74 -9.35 -1.86
N GLN D 23 25.46 -10.22 -2.56
CA GLN D 23 25.04 -11.61 -2.68
C GLN D 23 25.04 -12.28 -1.31
N GLN D 24 26.03 -11.96 -0.50
CA GLN D 24 26.14 -12.53 0.85
C GLN D 24 24.93 -12.09 1.69
N ALA D 25 24.55 -10.82 1.61
CA ALA D 25 23.40 -10.33 2.36
C ALA D 25 22.15 -11.11 1.95
N TYR D 26 21.97 -11.29 0.66
CA TYR D 26 20.81 -12.02 0.13
C TYR D 26 20.82 -13.46 0.67
N ASN D 27 22.00 -14.09 0.68
CA ASN D 27 22.11 -15.45 1.18
C ASN D 27 21.78 -15.52 2.66
N GLU D 28 22.10 -14.46 3.41
CA GLU D 28 21.81 -14.47 4.84
C GLU D 28 20.30 -14.38 5.03
N VAL D 29 19.64 -13.57 4.20
CA VAL D 29 18.17 -13.50 4.34
C VAL D 29 17.57 -14.86 4.02
N LYS D 30 18.07 -15.51 2.97
CA LYS D 30 17.54 -16.83 2.62
C LYS D 30 17.78 -17.80 3.77
N THR D 31 18.96 -17.74 4.37
CA THR D 31 19.23 -18.64 5.48
C THR D 31 18.33 -18.35 6.66
N SER D 32 18.08 -17.08 6.93
CA SER D 32 17.25 -16.72 8.08
C SER D 32 15.79 -17.12 7.94
N ILE D 33 15.26 -17.13 6.73
CA ILE D 33 13.85 -17.49 6.58
C ILE D 33 13.68 -19.01 6.45
N CYS D 34 14.74 -19.72 6.09
CA CYS D 34 14.68 -21.17 5.98
C CYS D 34 15.01 -21.83 7.31
N SER D 35 15.70 -21.12 8.19
CA SER D 35 16.11 -21.66 9.49
C SER D 35 15.00 -22.03 10.46
N PRO D 36 13.89 -21.26 10.49
CA PRO D 36 12.81 -21.58 11.42
C PRO D 36 12.35 -23.04 11.39
N ILE D 37 12.17 -23.61 12.58
CA ILE D 37 11.73 -24.98 12.79
C ILE D 37 10.57 -24.95 13.77
N TRP D 38 9.72 -25.98 13.74
CA TRP D 38 8.59 -26.05 14.64
C TRP D 38 8.01 -27.46 14.63
N PRO D 39 7.88 -28.08 15.82
CA PRO D 39 8.22 -27.55 17.15
C PRO D 39 9.70 -27.25 17.29
N ALA D 40 10.07 -26.51 18.34
CA ALA D 40 11.46 -26.15 18.57
C ALA D 40 12.39 -27.35 18.71
N THR D 41 11.82 -28.54 18.96
CA THR D 41 12.64 -29.74 19.09
C THR D 41 12.73 -30.51 17.77
N SER D 42 12.16 -29.96 16.71
CA SER D 42 12.19 -30.60 15.40
C SER D 42 13.28 -30.02 14.52
N LYS D 43 13.49 -30.63 13.35
CA LYS D 43 14.51 -30.13 12.42
C LYS D 43 13.82 -29.58 11.16
N THR D 44 12.50 -29.53 11.19
CA THR D 44 11.74 -29.00 10.06
C THR D 44 10.64 -28.12 10.61
N PHE D 45 9.93 -27.41 9.73
CA PHE D 45 8.85 -26.57 10.20
C PHE D 45 7.50 -27.15 9.81
N THR D 46 6.74 -27.56 10.82
CA THR D 46 5.42 -28.10 10.61
C THR D 46 4.42 -27.08 11.14
N ILE D 47 3.42 -26.76 10.34
CA ILE D 47 2.42 -25.80 10.77
C ILE D 47 1.15 -26.56 11.16
N ASN D 48 0.53 -26.16 12.28
CA ASN D 48 -0.70 -26.80 12.73
C ASN D 48 -1.81 -26.40 11.77
N ASN D 49 -2.42 -27.38 11.11
CA ASN D 49 -3.46 -27.09 10.13
C ASN D 49 -4.87 -27.46 10.59
N THR D 50 -5.16 -27.32 11.88
CA THR D 50 -6.47 -27.67 12.42
C THR D 50 -7.64 -26.88 11.83
N GLU D 51 -7.45 -25.58 11.61
CA GLU D 51 -8.50 -24.77 11.02
C GLU D 51 -7.94 -23.49 10.46
N LYS D 52 -8.70 -22.89 9.55
CA LYS D 52 -8.29 -21.66 8.89
C LYS D 52 -7.95 -20.55 9.89
N ASN D 53 -6.85 -19.85 9.62
CA ASN D 53 -6.41 -18.73 10.45
C ASN D 53 -6.04 -19.09 11.89
N CYS D 54 -5.76 -20.36 12.17
CA CYS D 54 -5.45 -20.75 13.54
C CYS D 54 -4.08 -20.35 14.15
N ASN D 55 -3.13 -19.92 13.32
CA ASN D 55 -1.78 -19.54 13.80
C ASN D 55 -1.42 -18.07 13.61
N GLY D 56 -0.50 -17.58 14.42
CA GLY D 56 -0.01 -16.22 14.28
C GLY D 56 1.20 -16.28 13.34
N VAL D 57 1.65 -15.12 12.86
CA VAL D 57 2.81 -15.06 11.96
C VAL D 57 3.90 -14.14 12.51
N VAL D 58 3.53 -13.17 13.34
CA VAL D 58 4.54 -12.26 13.86
C VAL D 58 5.71 -12.98 14.56
N PRO D 59 5.44 -14.05 15.34
CA PRO D 59 6.58 -14.71 15.99
C PRO D 59 7.64 -15.18 14.98
N ILE D 60 7.21 -15.63 13.79
CA ILE D 60 8.18 -16.08 12.78
C ILE D 60 9.01 -14.89 12.31
N LYS D 61 8.34 -13.75 12.11
CA LYS D 61 9.05 -12.54 11.72
C LYS D 61 10.06 -12.16 12.80
N GLU D 62 9.64 -12.23 14.07
CA GLU D 62 10.53 -11.87 15.16
C GLU D 62 11.77 -12.74 15.15
N LEU D 63 11.55 -14.04 14.93
CA LEU D 63 12.68 -14.99 14.86
C LEU D 63 13.62 -14.65 13.71
N CYS D 64 13.04 -14.42 12.53
CA CYS D 64 13.83 -14.09 11.35
C CYS D 64 14.67 -12.84 11.57
N TYR D 65 14.05 -11.78 12.08
CA TYR D 65 14.77 -10.53 12.31
C TYR D 65 15.88 -10.68 13.36
N THR D 66 15.61 -11.43 14.41
CA THR D 66 16.60 -11.61 15.49
C THR D 66 17.82 -12.38 14.99
N LEU D 67 17.57 -13.36 14.13
CA LEU D 67 18.65 -14.15 13.55
C LEU D 67 19.54 -13.24 12.72
N LEU D 68 18.93 -12.41 11.89
CA LEU D 68 19.71 -11.51 11.06
C LEU D 68 20.53 -10.54 11.90
N GLU D 69 19.92 -10.01 12.94
CA GLU D 69 20.59 -9.06 13.81
C GLU D 69 21.69 -9.69 14.66
N ASP D 70 21.32 -10.70 15.44
CA ASP D 70 22.24 -11.36 16.36
C ASP D 70 23.31 -12.22 15.72
N THR D 71 22.94 -12.92 14.66
CA THR D 71 23.87 -13.80 14.00
C THR D 71 24.59 -13.23 12.80
N TYR D 72 23.91 -12.38 12.02
CA TYR D 72 24.51 -11.83 10.81
C TYR D 72 24.83 -10.34 10.83
N ASN D 73 24.66 -9.72 11.98
CA ASN D 73 25.00 -8.32 12.15
C ASN D 73 24.20 -7.31 11.33
N TRP D 74 22.93 -7.61 11.08
CA TRP D 74 22.07 -6.68 10.37
C TRP D 74 21.58 -5.73 11.46
N TYR D 75 20.95 -4.62 11.09
CA TYR D 75 20.45 -3.72 12.12
C TYR D 75 18.94 -3.67 12.00
N ARG D 76 18.25 -3.84 13.12
CA ARG D 76 16.79 -3.76 13.11
C ARG D 76 16.41 -2.49 13.83
N GLU D 77 15.60 -1.65 13.19
CA GLU D 77 15.18 -0.39 13.78
C GLU D 77 14.40 -0.64 15.06
N LYS D 78 14.85 -0.03 16.16
CA LYS D 78 14.23 -0.18 17.47
C LYS D 78 13.12 0.85 17.69
N PRO D 79 12.22 0.61 18.64
CA PRO D 79 11.15 1.59 18.85
C PRO D 79 11.63 3.03 19.00
N LEU D 80 12.77 3.21 19.67
CA LEU D 80 13.33 4.55 19.85
C LEU D 80 13.76 5.14 18.51
N ASP D 81 14.26 4.29 17.62
CA ASP D 81 14.68 4.73 16.28
C ASP D 81 13.44 5.14 15.48
N ILE D 82 12.43 4.29 15.49
CA ILE D 82 11.21 4.54 14.75
C ILE D 82 10.56 5.85 15.20
N LEU D 83 10.55 6.09 16.50
CA LEU D 83 9.99 7.29 17.09
C LEU D 83 10.60 8.58 16.51
N LYS D 84 11.92 8.61 16.41
CA LYS D 84 12.57 9.82 15.91
C LYS D 84 12.66 9.97 14.40
N LEU D 85 12.46 8.90 13.65
CA LEU D 85 12.55 8.93 12.19
C LEU D 85 11.27 9.05 11.34
N GLU D 86 10.21 8.36 11.74
CA GLU D 86 8.95 8.30 10.98
C GLU D 86 8.07 9.53 10.68
N LYS D 87 8.41 10.68 11.25
CA LYS D 87 7.58 11.87 11.06
C LYS D 87 7.08 12.26 9.66
N LYS D 88 7.90 12.08 8.63
CA LYS D 88 7.49 12.50 7.29
C LYS D 88 7.04 11.45 6.26
N LYS D 89 7.76 10.34 6.18
CA LYS D 89 7.45 9.31 5.20
C LYS D 89 6.99 7.99 5.80
N GLY D 90 6.66 7.99 7.09
CA GLY D 90 6.26 6.77 7.74
C GLY D 90 7.49 6.13 8.36
N GLY D 91 7.32 5.00 9.03
CA GLY D 91 8.46 4.35 9.66
C GLY D 91 9.59 3.96 8.71
N PRO D 92 10.81 3.80 9.22
CA PRO D 92 11.93 3.42 8.35
C PRO D 92 11.79 1.95 7.94
N ILE D 93 12.66 1.51 7.04
CA ILE D 93 12.69 0.12 6.56
C ILE D 93 13.03 -0.73 7.80
N ASP D 94 12.27 -1.81 8.03
CA ASP D 94 12.43 -2.66 9.23
C ASP D 94 13.87 -3.09 9.57
N VAL D 95 14.53 -3.71 8.63
CA VAL D 95 15.90 -4.19 8.89
C VAL D 95 16.81 -3.98 7.69
N TYR D 96 18.11 -3.87 7.94
CA TYR D 96 19.04 -3.66 6.85
C TYR D 96 20.46 -4.06 7.22
N LYS D 97 21.29 -4.21 6.19
CA LYS D 97 22.71 -4.50 6.39
C LYS D 97 23.47 -3.48 5.60
N GLU D 98 24.57 -3.00 6.17
CA GLU D 98 25.37 -1.97 5.56
C GLU D 98 26.85 -2.37 5.49
N PHE D 99 27.51 -1.99 4.41
CA PHE D 99 28.94 -2.30 4.28
C PHE D 99 29.63 -1.39 3.30
N ILE D 100 30.91 -1.17 3.55
CA ILE D 100 31.72 -0.35 2.67
C ILE D 100 32.35 -1.29 1.66
N GLU D 101 31.86 -1.24 0.43
CA GLU D 101 32.43 -2.07 -0.60
C GLU D 101 33.25 -1.05 -1.32
N ASN D 102 34.18 -0.49 -0.54
CA ASN D 102 35.11 0.58 -0.95
C ASN D 102 34.82 1.33 -2.22
N SER D 103 34.90 2.64 -2.08
CA SER D 103 34.61 3.61 -3.11
C SER D 103 33.19 4.05 -2.80
N GLU D 104 32.45 3.23 -2.06
CA GLU D 104 31.09 3.59 -1.68
C GLU D 104 30.44 2.73 -0.60
N LEU D 105 29.43 3.29 0.06
CA LEU D 105 28.71 2.58 1.11
C LEU D 105 27.45 1.97 0.48
N LYS D 106 27.21 0.69 0.75
CA LYS D 106 26.05 -0.01 0.19
C LYS D 106 25.19 -0.56 1.32
N ARG D 107 23.91 -0.73 1.03
CA ARG D 107 22.98 -1.18 2.03
C ARG D 107 21.93 -2.08 1.37
N VAL D 108 21.48 -3.09 2.10
CA VAL D 108 20.41 -3.97 1.60
C VAL D 108 19.27 -3.85 2.60
N GLY D 109 18.08 -3.51 2.12
CA GLY D 109 16.95 -3.34 3.03
C GLY D 109 15.98 -4.50 2.88
N MET D 110 15.34 -4.91 3.98
CA MET D 110 14.38 -6.01 3.89
C MET D 110 13.18 -5.83 4.79
N GLU D 111 12.03 -6.32 4.35
CA GLU D 111 10.82 -6.29 5.16
C GLU D 111 10.08 -7.62 5.01
N PHE D 112 9.62 -8.13 6.14
CA PHE D 112 8.85 -9.39 6.24
C PHE D 112 7.41 -8.93 6.43
N GLU D 113 6.53 -9.25 5.47
CA GLU D 113 5.15 -8.77 5.55
C GLU D 113 4.27 -9.61 6.48
N THR D 114 3.74 -8.98 7.53
CA THR D 114 2.86 -9.70 8.44
C THR D 114 1.52 -8.97 8.53
N GLY D 115 1.36 -7.92 7.74
CA GLY D 115 0.10 -7.20 7.73
C GLY D 115 -0.75 -7.56 6.53
N ASN D 116 -1.80 -6.78 6.29
CA ASN D 116 -2.70 -7.06 5.18
C ASN D 116 -2.10 -6.61 3.85
N ILE D 117 -2.78 -6.92 2.75
CA ILE D 117 -2.24 -6.60 1.43
C ILE D 117 -1.95 -5.09 1.22
N SER D 118 -2.76 -4.21 1.79
CA SER D 118 -2.48 -2.79 1.62
C SER D 118 -1.15 -2.44 2.32
N SER D 119 -0.91 -3.00 3.49
CA SER D 119 0.35 -2.69 4.16
C SER D 119 1.52 -3.22 3.36
N ALA D 120 1.32 -4.28 2.56
CA ALA D 120 2.41 -4.82 1.76
C ALA D 120 2.72 -3.89 0.59
N HIS D 121 1.68 -3.25 0.06
CA HIS D 121 1.88 -2.27 -1.00
C HIS D 121 2.68 -1.11 -0.42
N ARG D 122 2.37 -0.73 0.82
CA ARG D 122 3.10 0.41 1.43
C ARG D 122 4.57 0.03 1.67
N SER D 123 4.79 -1.20 2.11
CA SER D 123 6.15 -1.71 2.35
C SER D 123 6.97 -1.74 1.04
N MET D 124 6.37 -2.30 -0.03
CA MET D 124 7.07 -2.34 -1.31
C MET D 124 7.41 -0.90 -1.76
N ASN D 125 6.47 0.03 -1.59
CA ASN D 125 6.72 1.43 -1.99
C ASN D 125 7.79 2.09 -1.11
N LYS D 126 7.81 1.74 0.17
CA LYS D 126 8.83 2.30 1.06
C LYS D 126 10.22 1.88 0.54
N LEU D 127 10.34 0.60 0.20
CA LEU D 127 11.60 0.04 -0.32
C LEU D 127 11.96 0.68 -1.68
N LEU D 128 10.96 0.82 -2.56
CA LEU D 128 11.19 1.45 -3.86
C LEU D 128 11.68 2.90 -3.74
N LEU D 129 11.12 3.65 -2.81
CA LEU D 129 11.57 5.03 -2.62
C LEU D 129 13.00 5.02 -2.08
N GLY D 130 13.31 4.05 -1.23
CA GLY D 130 14.66 3.93 -0.68
C GLY D 130 15.67 3.66 -1.78
N LEU D 131 15.27 2.84 -2.75
CA LEU D 131 16.16 2.52 -3.86
C LEU D 131 16.32 3.76 -4.74
N LYS D 132 15.20 4.43 -5.01
CA LYS D 132 15.26 5.64 -5.84
C LYS D 132 16.08 6.75 -5.19
N HIS D 133 16.06 6.82 -3.87
CA HIS D 133 16.82 7.84 -3.13
C HIS D 133 18.27 7.41 -2.84
N GLY D 134 18.62 6.21 -3.29
CA GLY D 134 19.97 5.73 -3.10
C GLY D 134 20.33 5.34 -1.68
N GLU D 135 19.32 5.15 -0.84
CA GLU D 135 19.53 4.79 0.56
C GLU D 135 19.81 3.30 0.74
N ILE D 136 19.33 2.49 -0.21
CA ILE D 136 19.61 1.07 -0.23
C ILE D 136 19.93 0.71 -1.67
N ASP D 137 20.69 -0.36 -1.85
CA ASP D 137 21.09 -0.80 -3.18
C ASP D 137 20.34 -2.05 -3.66
N LEU D 138 19.68 -2.72 -2.73
CA LEU D 138 18.88 -3.90 -3.03
C LEU D 138 17.75 -3.96 -2.02
N ALA D 139 16.54 -4.27 -2.49
CA ALA D 139 15.37 -4.39 -1.62
C ALA D 139 14.90 -5.84 -1.64
N ILE D 140 14.45 -6.34 -0.50
CA ILE D 140 13.98 -7.71 -0.39
C ILE D 140 12.69 -7.76 0.43
N ILE D 141 11.68 -8.49 -0.07
CA ILE D 141 10.45 -8.63 0.68
C ILE D 141 10.17 -10.12 0.89
N LEU D 142 9.78 -10.49 2.11
CA LEU D 142 9.46 -11.89 2.44
C LEU D 142 7.98 -11.99 2.75
N MET D 143 7.35 -13.07 2.29
CA MET D 143 5.93 -13.26 2.53
C MET D 143 5.59 -14.75 2.55
N PRO D 144 4.54 -15.14 3.27
CA PRO D 144 4.22 -16.56 3.25
C PRO D 144 3.50 -16.82 1.93
N ILE D 145 3.63 -18.01 1.35
CA ILE D 145 2.87 -18.28 0.14
C ILE D 145 1.43 -18.55 0.58
N LYS D 146 0.50 -18.50 -0.37
CA LYS D 146 -0.92 -18.67 -0.10
C LYS D 146 -1.31 -19.93 0.67
N GLN D 147 -0.72 -21.06 0.33
CA GLN D 147 -1.07 -22.30 1.01
C GLN D 147 -0.83 -22.18 2.52
N LEU D 148 0.28 -21.55 2.90
CA LEU D 148 0.60 -21.38 4.30
C LEU D 148 -0.24 -20.29 4.95
N ALA D 149 -0.44 -19.18 4.22
CA ALA D 149 -1.20 -18.05 4.74
C ALA D 149 -2.61 -18.45 5.16
N TYR D 150 -3.15 -19.50 4.53
CA TYR D 150 -4.49 -19.96 4.88
C TYR D 150 -4.54 -20.28 6.38
N TYR D 151 -3.45 -20.80 6.93
CA TYR D 151 -3.42 -21.14 8.37
C TYR D 151 -2.80 -20.09 9.27
N LEU D 152 -2.54 -18.91 8.70
CA LEU D 152 -1.98 -17.81 9.47
C LEU D 152 -3.10 -16.80 9.72
N THR D 153 -2.76 -15.70 10.39
CA THR D 153 -3.74 -14.68 10.74
C THR D 153 -4.61 -14.21 9.58
N ASP D 154 -5.88 -13.98 9.87
CA ASP D 154 -6.83 -13.55 8.87
C ASP D 154 -6.34 -12.33 8.07
N ARG D 155 -6.52 -12.39 6.75
CA ARG D 155 -6.16 -11.31 5.84
C ARG D 155 -4.67 -10.97 5.71
N VAL D 156 -3.78 -11.81 6.25
CA VAL D 156 -2.36 -11.52 6.11
C VAL D 156 -1.96 -11.57 4.64
N THR D 157 -0.95 -10.78 4.27
CA THR D 157 -0.47 -10.75 2.88
C THR D 157 0.10 -12.13 2.49
N ASN D 158 -0.12 -12.56 1.25
CA ASN D 158 0.53 -13.80 0.79
C ASN D 158 1.21 -13.48 -0.53
N PHE D 159 2.24 -14.26 -0.85
CA PHE D 159 3.06 -14.05 -2.06
C PHE D 159 2.25 -13.83 -3.32
N GLU D 160 1.35 -14.76 -3.59
CA GLU D 160 0.54 -14.69 -4.81
C GLU D 160 -0.35 -13.46 -4.89
N GLU D 161 -0.71 -12.88 -3.76
CA GLU D 161 -1.58 -11.70 -3.79
C GLU D 161 -0.81 -10.45 -4.22
N LEU D 162 0.46 -10.36 -3.86
CA LEU D 162 1.24 -9.20 -4.27
C LEU D 162 1.88 -9.41 -5.65
N GLU D 163 2.01 -10.68 -6.07
CA GLU D 163 2.65 -11.02 -7.33
C GLU D 163 2.24 -10.22 -8.59
N PRO D 164 0.95 -9.90 -8.78
CA PRO D 164 0.58 -9.14 -9.98
C PRO D 164 1.27 -7.78 -10.03
N TYR D 165 1.69 -7.30 -8.85
CA TYR D 165 2.35 -6.00 -8.74
C TYR D 165 3.88 -6.01 -8.74
N PHE D 166 4.48 -7.19 -8.80
CA PHE D 166 5.95 -7.25 -8.83
C PHE D 166 6.47 -6.45 -10.02
N GLU D 167 5.71 -6.40 -11.12
CA GLU D 167 6.25 -5.67 -12.26
C GLU D 167 6.45 -4.18 -12.01
N LEU D 168 5.85 -3.64 -10.96
CA LEU D 168 6.05 -2.22 -10.67
C LEU D 168 7.48 -2.02 -10.18
N THR D 169 8.22 -3.11 -9.89
CA THR D 169 9.61 -2.93 -9.44
C THR D 169 10.64 -3.12 -10.57
N GLU D 170 10.19 -3.49 -11.75
CA GLU D 170 11.13 -3.68 -12.86
C GLU D 170 11.91 -2.39 -13.10
N GLY D 171 13.21 -2.51 -13.31
CA GLY D 171 14.04 -1.32 -13.49
C GLY D 171 14.87 -1.08 -12.24
N GLN D 172 14.45 -1.68 -11.12
CA GLN D 172 15.16 -1.54 -9.84
C GLN D 172 15.52 -2.94 -9.31
N PRO D 173 16.60 -3.06 -8.50
CA PRO D 173 17.00 -4.36 -7.95
C PRO D 173 16.09 -4.71 -6.76
N PHE D 174 15.17 -5.64 -7.00
CA PHE D 174 14.18 -6.04 -6.02
C PHE D 174 14.02 -7.55 -6.05
N ILE D 175 13.80 -8.14 -4.88
CA ILE D 175 13.62 -9.59 -4.75
C ILE D 175 12.43 -9.87 -3.84
N PHE D 176 11.56 -10.78 -4.27
CA PHE D 176 10.42 -11.17 -3.45
C PHE D 176 10.58 -12.66 -3.17
N ILE D 177 10.46 -13.03 -1.89
CA ILE D 177 10.60 -14.43 -1.47
C ILE D 177 9.32 -14.95 -0.82
N GLY D 178 8.86 -16.12 -1.28
CA GLY D 178 7.66 -16.70 -0.71
C GLY D 178 8.03 -17.98 0.00
N PHE D 179 7.75 -18.05 1.30
CA PHE D 179 8.12 -19.24 2.08
C PHE D 179 6.96 -20.16 2.44
N ASN D 180 7.28 -21.41 2.78
CA ASN D 180 6.26 -22.38 3.13
C ASN D 180 6.76 -23.33 4.22
N ALA D 181 5.84 -23.96 4.94
CA ALA D 181 6.20 -24.94 5.97
C ALA D 181 6.56 -26.23 5.23
N GLU D 182 7.37 -27.09 5.85
CA GLU D 182 7.72 -28.35 5.20
C GLU D 182 6.60 -29.37 5.38
N ALA D 183 5.76 -29.17 6.37
CA ALA D 183 4.67 -30.11 6.63
C ALA D 183 3.49 -29.42 7.29
N TYR D 184 2.32 -30.01 7.10
CA TYR D 184 1.06 -29.53 7.64
C TYR D 184 0.39 -30.65 8.43
N ASN D 185 0.11 -30.44 9.71
CA ASN D 185 -0.60 -31.47 10.47
C ASN D 185 -1.04 -30.97 11.84
N SER D 186 -1.90 -31.75 12.49
CA SER D 186 -2.42 -31.33 13.80
C SER D 186 -1.65 -31.84 14.99
N ASN D 187 -0.42 -32.31 14.80
CA ASN D 187 0.33 -32.83 15.95
C ASN D 187 1.37 -31.89 16.50
N VAL D 188 1.20 -30.60 16.25
CA VAL D 188 2.15 -29.59 16.70
C VAL D 188 1.35 -28.43 17.29
N PRO D 189 1.96 -27.66 18.20
CA PRO D 189 1.24 -26.53 18.80
C PRO D 189 1.00 -25.37 17.85
N LEU D 190 0.05 -24.51 18.20
CA LEU D 190 -0.24 -23.34 17.39
C LEU D 190 0.83 -22.31 17.64
N ILE D 191 1.09 -21.48 16.63
CA ILE D 191 2.03 -20.38 16.81
C ILE D 191 1.07 -19.35 17.42
N PRO D 192 1.45 -18.74 18.56
CA PRO D 192 0.64 -17.74 19.26
C PRO D 192 0.29 -16.56 18.36
N LYS D 193 -0.92 -16.04 18.49
CA LYS D 193 -1.39 -14.92 17.67
C LYS D 193 -0.74 -13.56 17.93
N GLY D 194 -1.44 -12.71 18.67
CA GLY D 194 -0.99 -11.37 19.01
C GLY D 194 0.50 -11.08 18.99
N SER D 195 0.87 -9.84 18.67
CA SER D 195 2.28 -9.42 18.61
C SER D 195 3.02 -9.75 19.90
N ASP D 196 2.27 -9.94 20.97
CA ASP D 196 2.84 -10.28 22.26
C ASP D 196 2.88 -11.80 22.37
N GLY D 197 2.37 -12.45 21.33
CA GLY D 197 2.33 -13.91 21.26
C GLY D 197 3.53 -14.58 21.88
N MET D 198 4.72 -14.20 21.42
CA MET D 198 5.94 -14.76 21.99
C MET D 198 6.76 -13.62 22.54
N SER D 199 7.14 -13.76 23.81
CA SER D 199 7.94 -12.75 24.49
C SER D 199 9.36 -12.75 23.94
N LYS D 200 10.09 -11.70 24.31
CA LYS D 200 11.47 -11.49 23.90
C LYS D 200 12.39 -12.55 24.46
N ARG D 201 11.89 -13.37 25.37
CA ARG D 201 12.70 -14.44 25.96
C ARG D 201 12.38 -15.76 25.25
N SER D 202 11.12 -15.95 24.89
CA SER D 202 10.72 -17.17 24.20
C SER D 202 11.35 -17.18 22.81
N ILE D 203 11.47 -16.01 22.21
CA ILE D 203 12.07 -15.91 20.89
C ILE D 203 13.56 -16.29 20.98
N LYS D 204 14.19 -15.92 22.08
CA LYS D 204 15.60 -16.23 22.29
C LYS D 204 15.82 -17.71 22.44
N LYS D 205 14.95 -18.36 23.23
CA LYS D 205 15.05 -19.81 23.44
C LYS D 205 14.83 -20.54 22.12
N TRP D 206 13.85 -20.06 21.35
CA TRP D 206 13.57 -20.68 20.05
C TRP D 206 14.78 -20.52 19.13
N LYS D 207 15.32 -19.31 19.06
CA LYS D 207 16.49 -19.03 18.22
C LYS D 207 17.64 -19.96 18.63
N ASP D 208 17.82 -20.13 19.94
CA ASP D 208 18.86 -21.01 20.47
C ASP D 208 18.70 -22.43 19.94
N LYS D 209 17.46 -22.91 19.89
CA LYS D 209 17.19 -24.25 19.37
C LYS D 209 17.48 -24.30 17.87
N VAL D 210 17.09 -23.24 17.17
CA VAL D 210 17.32 -23.17 15.73
C VAL D 210 18.79 -23.26 15.37
N GLU D 211 19.64 -22.56 16.12
CA GLU D 211 21.07 -22.54 15.85
C GLU D 211 21.94 -23.68 16.38
N ASN D 212 21.43 -24.49 17.29
CA ASN D 212 22.23 -25.60 17.80
C ASN D 212 21.38 -26.74 18.33
#